data_5WDY
#
_entry.id   5WDY
#
_cell.length_a   34.334
_cell.length_b   62.267
_cell.length_c   70.268
_cell.angle_alpha   67.130
_cell.angle_beta   77.420
_cell.angle_gamma   74.740
#
_symmetry.space_group_name_H-M   'P 1'
#
loop_
_entity.id
_entity.type
_entity.pdbx_description
1 polymer 'Serine/threonine-protein kinase WNK1'
2 non-polymer 'PHOSPHOAMINOPHOSPHONIC ACID-ADENYLATE ESTER'
3 non-polymer 1-cyclohexyl-N-({6-fluoro-1-[2-(3-methoxyphenyl)pyridin-4-yl]-1H-indol-3-yl}methyl)methanamine
4 non-polymer 'MANGANESE (II) ION'
5 water water
#
_entity_poly.entity_id   1
_entity_poly.type   'polypeptide(L)'
_entity_poly.pdbx_seq_one_letter_code
;GELETKAVGMSNDGRFLKFDIEIGRGSFKTVYKGLDTETTVEVAWCELQDRKLTKSERQRFKEEAEMLKGLQHPNIVRFY
DSWESTVKGKKCIVLVTELMTSGTLKTYLKRFKVMKIKVLRSWCRQILKGLQFLHTRTPPIIHRDLKCDNIFITGPTGSV
KIGDLGLATLKRADFAKSVIGTPEFMAPEMYAAAYDESVDVYAFGMCMLEMATSEYPYSECQNAAQIYRRVTSGVKPASF
DKVAIPEVKEIIEGCIRQNKDERYSIKDLLNHAFFQEET
;
_entity_poly.pdbx_strand_id   A,B
#
loop_
_chem_comp.id
_chem_comp.type
_chem_comp.name
_chem_comp.formula
A6S non-polymer 1-cyclohexyl-N-({6-fluoro-1-[2-(3-methoxyphenyl)pyridin-4-yl]-1H-indol-3-yl}methyl)methanamine 'C28 H30 F N3 O'
ANP non-polymer 'PHOSPHOAMINOPHOSPHONIC ACID-ADENYLATE ESTER' 'C10 H17 N6 O12 P3'
MN non-polymer 'MANGANESE (II) ION' 'Mn 2'
#
# COMPACT_ATOMS: atom_id res chain seq x y z
N GLU A 4 -20.21 17.74 36.21
CA GLU A 4 -21.39 18.36 35.63
C GLU A 4 -21.04 18.94 34.26
N THR A 5 -21.95 19.74 33.69
CA THR A 5 -21.76 20.28 32.34
C THR A 5 -20.91 21.55 32.40
N LYS A 6 -19.67 21.35 32.84
CA LYS A 6 -18.55 22.25 32.60
C LYS A 6 -18.03 22.12 31.17
N ALA A 7 -18.56 21.15 30.42
CA ALA A 7 -18.01 20.78 29.12
C ALA A 7 -17.88 21.98 28.19
N VAL A 8 -16.68 22.16 27.65
CA VAL A 8 -16.43 23.15 26.60
C VAL A 8 -16.67 22.58 25.22
N GLY A 9 -16.98 21.28 25.11
CA GLY A 9 -17.31 20.67 23.84
C GLY A 9 -18.61 19.89 23.94
N MET A 10 -19.14 19.51 22.78
CA MET A 10 -20.49 18.97 22.67
C MET A 10 -20.48 17.54 22.17
N SER A 11 -21.42 16.74 22.69
CA SER A 11 -21.73 15.42 22.17
C SER A 11 -23.11 15.44 21.53
N ASN A 12 -23.25 14.76 20.39
CA ASN A 12 -24.51 14.74 19.67
C ASN A 12 -25.61 14.11 20.51
N ASP A 13 -25.50 12.82 20.80
CA ASP A 13 -26.50 12.18 21.67
C ASP A 13 -26.38 12.64 23.12
N GLY A 14 -25.35 13.40 23.46
CA GLY A 14 -25.17 13.85 24.83
C GLY A 14 -24.58 12.78 25.72
N ARG A 15 -23.46 12.19 25.30
CA ARG A 15 -22.81 11.11 26.00
C ARG A 15 -21.38 11.43 26.42
N PHE A 16 -20.65 12.23 25.65
CA PHE A 16 -19.25 12.54 25.92
C PHE A 16 -19.10 14.05 26.08
N LEU A 17 -18.61 14.49 27.23
CA LEU A 17 -18.42 15.91 27.47
C LEU A 17 -16.94 16.24 27.46
N LYS A 18 -16.58 17.32 26.74
CA LYS A 18 -15.21 17.74 26.56
C LYS A 18 -14.88 18.86 27.53
N PHE A 19 -13.93 18.61 28.42
CA PHE A 19 -13.46 19.63 29.33
C PHE A 19 -12.22 20.33 28.77
N ASP A 20 -12.01 21.57 29.19
CA ASP A 20 -10.87 22.36 28.74
C ASP A 20 -9.63 22.02 29.56
N ILE A 21 -9.22 20.76 29.47
CA ILE A 21 -8.06 20.23 30.19
C ILE A 21 -7.26 19.43 29.18
N GLU A 22 -6.14 19.99 28.73
CA GLU A 22 -5.31 19.33 27.72
C GLU A 22 -4.38 18.32 28.40
N ILE A 23 -4.55 17.04 28.08
CA ILE A 23 -3.76 16.00 28.74
C ILE A 23 -2.52 15.61 27.94
N GLY A 24 -2.48 15.91 26.65
CA GLY A 24 -1.35 15.55 25.81
C GLY A 24 -1.43 16.32 24.50
N ARG A 25 -0.29 16.81 24.02
CA ARG A 25 -0.26 17.63 22.83
C ARG A 25 0.70 17.02 21.82
N GLY A 26 0.24 16.89 20.57
CA GLY A 26 1.03 16.26 19.55
C GLY A 26 0.99 16.96 18.20
N SER A 27 1.39 16.24 17.15
CA SER A 27 1.44 16.77 15.79
C SER A 27 0.06 17.13 15.29
N PHE A 28 -0.75 16.11 14.97
CA PHE A 28 -2.13 16.33 14.61
C PHE A 28 -3.09 15.99 15.74
N LYS A 29 -2.60 15.43 16.84
CA LYS A 29 -3.47 14.93 17.90
C LYS A 29 -3.38 15.85 19.10
N THR A 30 -4.49 16.56 19.35
CA THR A 30 -4.69 17.36 20.54
C THR A 30 -5.73 16.62 21.38
N VAL A 31 -5.31 16.01 22.49
CA VAL A 31 -6.20 15.19 23.30
C VAL A 31 -6.54 15.97 24.56
N TYR A 32 -7.83 16.17 24.78
CA TYR A 32 -8.36 16.77 25.98
C TYR A 32 -8.91 15.68 26.89
N LYS A 33 -9.27 16.07 28.10
CA LYS A 33 -9.88 15.14 29.05
C LYS A 33 -11.38 15.22 28.90
N GLY A 34 -12.00 14.11 28.51
CA GLY A 34 -13.43 14.02 28.33
C GLY A 34 -14.11 13.23 29.45
N LEU A 35 -15.36 12.89 29.22
CA LEU A 35 -16.13 12.12 30.18
C LEU A 35 -17.35 11.50 29.53
N ASP A 36 -17.59 10.22 29.76
CA ASP A 36 -18.80 9.57 29.25
C ASP A 36 -19.78 9.40 30.40
N THR A 37 -21.00 9.88 30.18
CA THR A 37 -22.06 9.84 31.18
C THR A 37 -22.77 8.50 31.23
N GLU A 38 -22.39 7.53 30.41
CA GLU A 38 -23.06 6.23 30.41
C GLU A 38 -22.28 5.15 31.15
N THR A 39 -21.02 4.91 30.79
CA THR A 39 -20.20 3.97 31.56
C THR A 39 -19.37 4.66 32.64
N THR A 40 -19.52 5.98 32.78
CA THR A 40 -18.90 6.76 33.87
C THR A 40 -17.37 6.62 33.88
N VAL A 41 -16.79 6.44 32.71
CA VAL A 41 -15.34 6.29 32.55
C VAL A 41 -14.77 7.62 32.07
N GLU A 42 -13.63 8.03 32.62
CA GLU A 42 -12.93 9.16 32.04
C GLU A 42 -12.40 8.76 30.66
N VAL A 43 -12.55 9.67 29.72
CA VAL A 43 -12.44 9.38 28.31
C VAL A 43 -11.49 10.38 27.66
N ALA A 44 -10.65 9.89 26.77
CA ALA A 44 -9.72 10.75 26.04
C ALA A 44 -10.45 11.40 24.89
N TRP A 45 -10.59 12.72 24.94
CA TRP A 45 -11.22 13.49 23.87
C TRP A 45 -10.11 13.98 22.94
N CYS A 46 -9.94 13.29 21.81
CA CYS A 46 -8.90 13.61 20.85
C CYS A 46 -9.51 14.24 19.62
N GLU A 47 -8.88 15.28 19.11
CA GLU A 47 -9.33 15.96 17.89
C GLU A 47 -8.14 16.21 16.98
N LEU A 48 -8.27 15.84 15.71
CA LEU A 48 -7.19 16.01 14.75
C LEU A 48 -7.57 17.06 13.71
N GLN A 49 -6.56 17.52 12.98
CA GLN A 49 -6.77 18.53 11.94
C GLN A 49 -7.88 18.10 11.00
N ASP A 50 -8.58 19.09 10.43
CA ASP A 50 -9.69 18.77 9.53
C ASP A 50 -9.17 18.05 8.31
N ARG A 51 -9.63 16.82 8.12
CA ARG A 51 -9.30 16.03 6.95
C ARG A 51 -10.23 16.46 5.83
N LYS A 52 -9.66 17.01 4.76
CA LYS A 52 -10.46 17.45 3.61
C LYS A 52 -10.51 16.26 2.64
N LEU A 53 -11.46 15.37 2.86
CA LEU A 53 -11.58 14.15 2.08
C LEU A 53 -12.87 14.14 1.25
N THR A 54 -12.84 13.32 0.21
CA THR A 54 -13.91 13.28 -0.79
C THR A 54 -15.13 12.56 -0.26
N LYS A 55 -16.22 12.64 -1.04
CA LYS A 55 -17.49 12.02 -0.70
C LYS A 55 -17.40 10.51 -0.57
N SER A 56 -16.27 9.90 -0.94
CA SER A 56 -16.03 8.48 -0.73
C SER A 56 -15.17 8.23 0.50
N GLU A 57 -14.15 9.05 0.73
CA GLU A 57 -13.31 8.82 1.91
C GLU A 57 -13.96 9.35 3.18
N ARG A 58 -14.81 10.37 3.07
CA ARG A 58 -15.65 10.70 4.21
C ARG A 58 -16.57 9.53 4.55
N GLN A 59 -17.02 8.81 3.53
CA GLN A 59 -17.78 7.58 3.75
C GLN A 59 -16.96 6.52 4.50
N ARG A 60 -15.76 6.18 3.99
CA ARG A 60 -15.06 5.00 4.48
C ARG A 60 -14.53 5.19 5.90
N PHE A 61 -14.26 6.43 6.31
CA PHE A 61 -13.93 6.68 7.71
C PHE A 61 -15.05 6.20 8.62
N LYS A 62 -16.31 6.42 8.20
CA LYS A 62 -17.44 6.03 9.03
C LYS A 62 -17.47 4.51 9.25
N GLU A 63 -17.37 3.73 8.17
CA GLU A 63 -17.41 2.28 8.30
C GLU A 63 -16.19 1.75 9.05
N GLU A 64 -15.06 2.45 8.98
CA GLU A 64 -13.88 2.07 9.75
C GLU A 64 -14.09 2.33 11.24
N ALA A 65 -14.80 3.41 11.59
CA ALA A 65 -15.00 3.74 13.00
C ALA A 65 -15.84 2.68 13.70
N GLU A 66 -16.85 2.13 13.02
CA GLU A 66 -17.64 1.08 13.63
C GLU A 66 -16.92 -0.26 13.63
N MET A 67 -15.97 -0.46 12.73
CA MET A 67 -15.07 -1.59 12.86
C MET A 67 -14.27 -1.48 14.15
N LEU A 68 -13.69 -0.31 14.40
CA LEU A 68 -12.89 -0.12 15.61
C LEU A 68 -13.70 -0.34 16.88
N LYS A 69 -15.00 -0.08 16.84
CA LYS A 69 -15.83 -0.35 18.02
C LYS A 69 -15.96 -1.85 18.28
N GLY A 70 -15.85 -2.68 17.24
CA GLY A 70 -15.93 -4.11 17.43
C GLY A 70 -14.76 -4.68 18.19
N LEU A 71 -13.59 -4.04 18.08
CA LEU A 71 -12.44 -4.47 18.85
C LEU A 71 -12.69 -4.28 20.34
N GLN A 72 -12.24 -5.25 21.12
CA GLN A 72 -12.50 -5.25 22.57
C GLN A 72 -11.55 -6.27 23.20
N HIS A 73 -10.36 -5.80 23.58
CA HIS A 73 -9.36 -6.64 24.19
C HIS A 73 -8.79 -5.93 25.42
N PRO A 74 -8.51 -6.67 26.50
CA PRO A 74 -7.95 -6.03 27.70
C PRO A 74 -6.60 -5.40 27.49
N ASN A 75 -5.87 -5.79 26.44
CA ASN A 75 -4.57 -5.23 26.14
C ASN A 75 -4.61 -4.21 25.02
N ILE A 76 -5.80 -3.64 24.74
CA ILE A 76 -5.99 -2.66 23.69
C ILE A 76 -6.87 -1.55 24.25
N VAL A 77 -6.47 -0.30 24.03
CA VAL A 77 -7.27 0.81 24.52
C VAL A 77 -8.59 0.85 23.76
N ARG A 78 -9.68 1.02 24.49
CA ARG A 78 -11.00 0.88 23.88
C ARG A 78 -11.35 2.11 23.05
N PHE A 79 -12.07 1.85 21.96
CA PHE A 79 -12.54 2.88 21.03
C PHE A 79 -14.05 2.99 21.17
N TYR A 80 -14.52 4.15 21.63
CA TYR A 80 -15.94 4.33 21.92
C TYR A 80 -16.72 4.84 20.70
N ASP A 81 -16.39 6.03 20.22
CA ASP A 81 -17.11 6.59 19.08
C ASP A 81 -16.23 7.67 18.44
N SER A 82 -16.76 8.27 17.37
CA SER A 82 -16.09 9.32 16.62
C SER A 82 -17.16 10.07 15.83
N TRP A 83 -16.87 11.32 15.49
CA TRP A 83 -17.83 12.13 14.75
C TRP A 83 -17.13 13.37 14.18
N GLU A 84 -17.82 14.00 13.24
CA GLU A 84 -17.41 15.27 12.65
C GLU A 84 -17.80 16.43 13.54
N SER A 85 -16.99 17.50 13.52
CA SER A 85 -17.28 18.70 14.28
C SER A 85 -16.27 19.79 13.91
N THR A 86 -16.73 21.03 13.99
CA THR A 86 -15.86 22.19 13.74
C THR A 86 -15.98 23.19 14.88
N CYS A 92 -13.19 19.83 11.81
CA CYS A 92 -12.17 18.84 12.14
C CYS A 92 -12.81 17.48 12.46
N ILE A 93 -11.98 16.56 12.93
CA ILE A 93 -12.41 15.21 13.31
C ILE A 93 -12.03 14.99 14.76
N VAL A 94 -12.96 14.48 15.55
CA VAL A 94 -12.74 14.21 16.98
C VAL A 94 -12.93 12.73 17.23
N LEU A 95 -11.90 12.10 17.79
CA LEU A 95 -11.92 10.70 18.16
C LEU A 95 -12.08 10.60 19.68
N VAL A 96 -12.63 9.48 20.15
CA VAL A 96 -12.97 9.32 21.56
C VAL A 96 -12.61 7.89 21.99
N THR A 97 -11.64 7.77 22.89
CA THR A 97 -11.12 6.47 23.32
C THR A 97 -10.91 6.47 24.83
N GLU A 98 -10.62 5.29 25.36
CA GLU A 98 -10.33 5.14 26.78
C GLU A 98 -9.17 6.04 27.18
N LEU A 99 -9.27 6.64 28.37
CA LEU A 99 -8.24 7.55 28.85
C LEU A 99 -7.21 6.79 29.69
N MET A 100 -5.94 6.97 29.34
CA MET A 100 -4.83 6.35 30.06
C MET A 100 -4.18 7.39 30.96
N THR A 101 -4.17 7.12 32.27
CA THR A 101 -3.72 8.09 33.24
C THR A 101 -2.38 7.74 33.89
N SER A 102 -1.86 6.54 33.65
CA SER A 102 -0.58 6.13 34.22
C SER A 102 0.58 6.37 33.25
N GLY A 103 0.37 7.11 32.17
CA GLY A 103 1.43 7.39 31.21
C GLY A 103 1.70 6.23 30.27
N THR A 104 2.73 6.41 29.45
CA THR A 104 3.14 5.41 28.49
C THR A 104 4.29 4.56 29.05
N LEU A 105 4.62 3.51 28.31
CA LEU A 105 5.69 2.61 28.74
C LEU A 105 7.06 3.25 28.61
N LYS A 106 7.25 4.09 27.58
CA LYS A 106 8.55 4.71 27.35
C LYS A 106 8.93 5.63 28.50
N THR A 107 7.99 6.49 28.93
CA THR A 107 8.24 7.33 30.09
C THR A 107 8.48 6.50 31.34
N TYR A 108 7.84 5.33 31.43
CA TYR A 108 8.08 4.42 32.54
C TYR A 108 9.52 3.91 32.54
N LEU A 109 10.15 3.87 31.36
CA LEU A 109 11.55 3.46 31.23
C LEU A 109 12.53 4.62 31.35
N LYS A 110 12.11 5.84 31.04
CA LYS A 110 12.98 7.01 31.11
C LYS A 110 13.49 7.32 32.51
N ARG A 111 13.09 6.54 33.52
CA ARG A 111 13.50 6.84 34.90
C ARG A 111 14.27 5.72 35.57
N PHE A 112 14.38 4.54 34.96
CA PHE A 112 15.11 3.42 35.53
C PHE A 112 15.90 2.73 34.42
N LYS A 113 16.99 2.06 34.81
CA LYS A 113 17.88 1.42 33.86
C LYS A 113 17.72 -0.09 33.78
N VAL A 114 17.13 -0.73 34.78
CA VAL A 114 16.97 -2.18 34.80
C VAL A 114 15.53 -2.49 35.15
N MET A 115 14.88 -3.31 34.33
CA MET A 115 13.51 -3.77 34.56
C MET A 115 13.55 -5.21 35.04
N LYS A 116 12.80 -5.49 36.11
CA LYS A 116 12.75 -6.85 36.65
C LYS A 116 12.30 -7.82 35.56
N ILE A 117 12.92 -9.00 35.53
CA ILE A 117 12.57 -10.02 34.55
C ILE A 117 11.10 -10.43 34.69
N LYS A 118 10.53 -10.30 35.90
CA LYS A 118 9.11 -10.59 36.09
C LYS A 118 8.24 -9.60 35.30
N VAL A 119 8.52 -8.30 35.47
CA VAL A 119 7.71 -7.28 34.81
C VAL A 119 7.91 -7.32 33.31
N LEU A 120 9.15 -7.50 32.86
CA LEU A 120 9.42 -7.57 31.43
C LEU A 120 8.70 -8.76 30.78
N ARG A 121 8.77 -9.93 31.41
CA ARG A 121 8.06 -11.09 30.87
C ARG A 121 6.56 -10.86 30.85
N SER A 122 6.01 -10.29 31.92
CA SER A 122 4.57 -10.10 32.01
C SER A 122 4.08 -9.08 30.98
N TRP A 123 4.70 -7.89 30.97
CA TRP A 123 4.25 -6.83 30.08
C TRP A 123 4.46 -7.20 28.61
N CYS A 124 5.61 -7.78 28.28
CA CYS A 124 5.83 -8.21 26.90
C CYS A 124 4.80 -9.25 26.48
N ARG A 125 4.46 -10.19 27.38
CA ARG A 125 3.43 -11.18 27.06
C ARG A 125 2.11 -10.50 26.71
N GLN A 126 1.72 -9.51 27.51
CA GLN A 126 0.47 -8.81 27.23
C GLN A 126 0.52 -8.03 25.93
N ILE A 127 1.70 -7.52 25.56
CA ILE A 127 1.83 -6.87 24.26
C ILE A 127 1.59 -7.86 23.13
N LEU A 128 2.18 -9.05 23.24
CA LEU A 128 1.98 -10.06 22.21
C LEU A 128 0.52 -10.45 22.08
N LYS A 129 -0.18 -10.60 23.21
CA LYS A 129 -1.62 -10.88 23.18
C LYS A 129 -2.39 -9.76 22.48
N GLY A 130 -1.97 -8.52 22.68
CA GLY A 130 -2.62 -7.42 21.97
C GLY A 130 -2.37 -7.49 20.48
N LEU A 131 -1.10 -7.66 20.08
CA LEU A 131 -0.76 -7.81 18.67
C LEU A 131 -1.49 -9.00 18.05
N GLN A 132 -1.53 -10.13 18.74
CA GLN A 132 -2.20 -11.31 18.21
C GLN A 132 -3.67 -11.04 17.99
N PHE A 133 -4.32 -10.36 18.95
CA PHE A 133 -5.73 -10.03 18.78
C PHE A 133 -5.96 -9.23 17.51
N LEU A 134 -5.16 -8.17 17.30
CA LEU A 134 -5.31 -7.36 16.09
C LEU A 134 -5.07 -8.18 14.83
N HIS A 135 -4.17 -9.16 14.88
CA HIS A 135 -3.84 -9.95 13.70
C HIS A 135 -4.82 -11.07 13.43
N THR A 136 -5.60 -11.48 14.43
CA THR A 136 -6.62 -12.52 14.25
C THR A 136 -7.98 -11.94 13.86
N ARG A 137 -8.06 -10.64 13.60
CA ARG A 137 -9.32 -10.05 13.17
C ARG A 137 -9.56 -10.37 11.68
N THR A 138 -10.78 -10.06 11.24
CA THR A 138 -11.16 -10.27 9.84
C THR A 138 -11.77 -8.97 9.31
N PRO A 139 -11.07 -8.22 8.45
CA PRO A 139 -9.70 -8.53 8.02
C PRO A 139 -8.69 -8.20 9.11
N PRO A 140 -7.52 -8.85 9.09
CA PRO A 140 -6.51 -8.60 10.12
C PRO A 140 -6.04 -7.16 10.10
N ILE A 141 -5.74 -6.65 11.30
CA ILE A 141 -5.29 -5.28 11.50
C ILE A 141 -3.81 -5.28 11.81
N ILE A 142 -3.04 -4.46 11.08
CA ILE A 142 -1.61 -4.33 11.27
C ILE A 142 -1.34 -2.95 11.86
N HIS A 143 -0.70 -2.92 13.03
CA HIS A 143 -0.54 -1.67 13.77
C HIS A 143 0.39 -0.70 13.05
N ARG A 144 1.57 -1.18 12.64
CA ARG A 144 2.55 -0.44 11.84
C ARG A 144 3.28 0.69 12.56
N ASP A 145 2.81 1.11 13.73
CA ASP A 145 3.51 2.14 14.51
C ASP A 145 3.58 1.70 15.97
N LEU A 146 4.11 0.50 16.19
CA LEU A 146 4.28 -0.02 17.55
C LEU A 146 5.56 0.53 18.16
N LYS A 147 5.44 1.05 19.38
CA LYS A 147 6.59 1.51 20.15
C LYS A 147 6.16 1.65 21.60
N CYS A 148 7.15 1.84 22.48
CA CYS A 148 6.84 1.99 23.89
C CYS A 148 6.04 3.25 24.18
N ASP A 149 6.09 4.24 23.29
CA ASP A 149 5.30 5.45 23.46
C ASP A 149 3.83 5.23 23.11
N ASN A 150 3.51 4.17 22.40
CA ASN A 150 2.13 3.82 22.06
C ASN A 150 1.61 2.67 22.91
N ILE A 151 2.33 2.31 23.97
CA ILE A 151 1.90 1.30 24.93
C ILE A 151 1.74 1.98 26.27
N PHE A 152 0.61 1.75 26.93
CA PHE A 152 0.25 2.51 28.12
C PHE A 152 0.15 1.59 29.33
N ILE A 153 0.52 2.13 30.48
CA ILE A 153 0.34 1.45 31.76
C ILE A 153 -1.06 1.78 32.26
N THR A 154 -1.75 0.77 32.80
CA THR A 154 -3.14 0.98 33.15
C THR A 154 -3.53 0.15 34.37
N GLY A 155 -4.42 0.73 35.18
CA GLY A 155 -5.07 0.00 36.25
C GLY A 155 -4.25 -0.12 37.50
N PRO A 156 -4.82 -0.76 38.53
CA PRO A 156 -4.02 -1.06 39.74
C PRO A 156 -3.02 -2.16 39.48
N THR A 157 -3.43 -3.18 38.73
CA THR A 157 -2.55 -4.30 38.37
C THR A 157 -1.29 -3.82 37.66
N GLY A 158 -1.42 -2.78 36.85
CA GLY A 158 -0.32 -2.35 36.02
C GLY A 158 -0.22 -3.08 34.70
N SER A 159 -1.35 -3.54 34.16
CA SER A 159 -1.35 -4.16 32.84
C SER A 159 -1.04 -3.12 31.77
N VAL A 160 -0.79 -3.60 30.56
CA VAL A 160 -0.42 -2.72 29.45
C VAL A 160 -1.50 -2.81 28.38
N LYS A 161 -1.68 -1.70 27.68
CA LYS A 161 -2.62 -1.61 26.57
C LYS A 161 -1.93 -0.96 25.39
N ILE A 162 -2.30 -1.39 24.18
CA ILE A 162 -1.77 -0.82 22.96
C ILE A 162 -2.83 0.12 22.38
N GLY A 163 -2.45 1.38 22.19
CA GLY A 163 -3.34 2.35 21.58
C GLY A 163 -2.76 3.01 20.35
N ASP A 164 -3.40 4.08 19.90
CA ASP A 164 -2.98 4.84 18.73
C ASP A 164 -2.83 3.95 17.50
N LEU A 165 -3.95 3.64 16.86
CA LEU A 165 -3.99 2.86 15.63
C LEU A 165 -4.07 3.75 14.39
N GLY A 166 -3.54 4.97 14.49
CA GLY A 166 -3.69 5.92 13.39
C GLY A 166 -3.00 5.47 12.11
N LEU A 167 -1.77 4.97 12.22
CA LEU A 167 -1.04 4.48 11.05
C LEU A 167 -1.24 3.00 10.80
N ALA A 168 -2.39 2.45 11.20
CA ALA A 168 -2.69 1.05 10.97
C ALA A 168 -3.41 0.85 9.64
N THR A 169 -3.38 -0.38 9.15
CA THR A 169 -4.00 -0.72 7.87
C THR A 169 -4.64 -2.10 7.96
N LEU A 170 -5.53 -2.37 7.02
CA LEU A 170 -6.11 -3.70 6.88
C LEU A 170 -5.19 -4.59 6.07
N LYS A 171 -5.18 -5.87 6.41
CA LYS A 171 -4.38 -6.86 5.70
C LYS A 171 -4.96 -7.06 4.30
N ARG A 172 -4.21 -6.62 3.29
CA ARG A 172 -4.66 -6.73 1.89
C ARG A 172 -4.66 -8.20 1.49
N ALA A 173 -5.84 -8.79 1.39
CA ALA A 173 -5.97 -10.18 1.01
C ALA A 173 -5.90 -10.34 -0.50
N PRO A 183 1.01 -7.73 -10.53
CA PRO A 183 2.07 -7.24 -11.42
C PRO A 183 3.19 -8.26 -11.58
N GLU A 184 3.96 -8.18 -12.66
CA GLU A 184 5.04 -9.11 -12.93
C GLU A 184 6.41 -8.50 -12.73
N PHE A 185 6.77 -7.46 -13.49
CA PHE A 185 8.08 -6.84 -13.33
C PHE A 185 8.08 -5.82 -12.21
N MET A 186 7.62 -6.25 -11.04
CA MET A 186 7.63 -5.40 -9.85
C MET A 186 9.05 -4.96 -9.53
N ALA A 187 9.19 -3.68 -9.20
CA ALA A 187 10.47 -3.12 -8.80
C ALA A 187 10.76 -3.53 -7.35
N PRO A 188 12.05 -3.46 -6.94
CA PRO A 188 12.41 -3.92 -5.58
C PRO A 188 11.56 -3.31 -4.48
N GLU A 189 11.19 -2.04 -4.60
CA GLU A 189 10.41 -1.38 -3.56
C GLU A 189 8.96 -1.85 -3.53
N MET A 190 8.49 -2.48 -4.60
CA MET A 190 7.15 -3.04 -4.59
C MET A 190 7.12 -4.41 -3.93
N TYR A 191 8.23 -5.15 -3.97
CA TYR A 191 8.32 -6.38 -3.19
C TYR A 191 8.36 -6.08 -1.70
N ALA A 192 8.93 -4.93 -1.32
CA ALA A 192 8.92 -4.51 0.07
C ALA A 192 7.60 -3.89 0.48
N ALA A 193 6.82 -3.38 -0.47
CA ALA A 193 5.52 -2.81 -0.14
C ALA A 193 4.50 -3.88 0.20
N ALA A 194 4.76 -5.14 -0.17
CA ALA A 194 3.87 -6.26 0.14
C ALA A 194 4.21 -6.91 1.47
N TYR A 195 4.45 -6.11 2.52
CA TYR A 195 4.75 -6.64 3.83
C TYR A 195 3.46 -7.09 4.52
N ASP A 196 3.60 -7.60 5.74
CA ASP A 196 2.43 -8.05 6.50
C ASP A 196 2.60 -7.86 8.00
N GLU A 197 1.99 -8.74 8.79
CA GLU A 197 2.00 -8.59 10.23
C GLU A 197 3.41 -8.63 10.82
N SER A 198 4.37 -9.21 10.10
CA SER A 198 5.73 -9.29 10.62
C SER A 198 6.35 -7.92 10.86
N VAL A 199 5.73 -6.84 10.41
CA VAL A 199 6.22 -5.51 10.75
C VAL A 199 5.93 -5.18 12.20
N ASP A 200 4.89 -5.78 12.78
CA ASP A 200 4.61 -5.61 14.20
C ASP A 200 5.50 -6.48 15.06
N VAL A 201 5.90 -7.66 14.55
CA VAL A 201 6.84 -8.49 15.27
C VAL A 201 8.21 -7.81 15.33
N TYR A 202 8.65 -7.25 14.21
CA TYR A 202 9.89 -6.49 14.19
C TYR A 202 9.83 -5.32 15.18
N ALA A 203 8.68 -4.66 15.27
CA ALA A 203 8.55 -3.55 16.21
C ALA A 203 8.49 -4.05 17.64
N PHE A 204 7.97 -5.25 17.86
CA PHE A 204 7.96 -5.83 19.19
C PHE A 204 9.38 -6.12 19.67
N GLY A 205 10.24 -6.63 18.80
CA GLY A 205 11.62 -6.88 19.19
C GLY A 205 12.33 -5.63 19.65
N MET A 206 12.10 -4.51 18.96
CA MET A 206 12.71 -3.25 19.38
C MET A 206 12.13 -2.77 20.71
N CYS A 207 10.82 -2.96 20.90
CA CYS A 207 10.21 -2.60 22.19
C CYS A 207 10.81 -3.41 23.32
N MET A 208 10.85 -4.73 23.17
CA MET A 208 11.47 -5.57 24.20
C MET A 208 12.94 -5.25 24.38
N LEU A 209 13.60 -4.73 23.35
CA LEU A 209 15.01 -4.37 23.47
C LEU A 209 15.19 -3.18 24.41
N GLU A 210 14.40 -2.12 24.23
CA GLU A 210 14.54 -0.97 25.12
C GLU A 210 13.86 -1.15 26.46
N MET A 211 13.10 -2.24 26.64
CA MET A 211 12.59 -2.57 27.96
C MET A 211 13.61 -3.29 28.80
N ALA A 212 14.57 -3.98 28.17
CA ALA A 212 15.64 -4.68 28.87
C ALA A 212 16.94 -3.89 28.92
N THR A 213 17.05 -2.80 28.17
CA THR A 213 18.23 -1.94 28.21
C THR A 213 17.93 -0.52 28.64
N SER A 214 16.66 -0.11 28.68
CA SER A 214 16.27 1.25 29.06
C SER A 214 16.98 2.29 28.19
N GLU A 215 17.11 1.98 26.91
CA GLU A 215 17.90 2.79 26.00
C GLU A 215 17.24 2.76 24.63
N TYR A 216 17.09 3.91 24.00
CA TYR A 216 16.42 3.99 22.71
C TYR A 216 17.25 3.26 21.65
N PRO A 217 16.65 2.34 20.89
CA PRO A 217 17.43 1.58 19.91
C PRO A 217 17.95 2.47 18.79
N TYR A 218 19.18 2.18 18.36
CA TYR A 218 19.86 2.97 17.32
C TYR A 218 19.94 4.44 17.70
N SER A 219 20.21 4.71 18.98
CA SER A 219 20.40 6.09 19.41
C SER A 219 21.70 6.67 18.86
N GLU A 220 22.65 5.81 18.46
CA GLU A 220 23.89 6.27 17.86
C GLU A 220 23.71 6.72 16.41
N CYS A 221 22.52 6.56 15.84
CA CYS A 221 22.21 6.94 14.47
C CYS A 221 21.50 8.29 14.45
N GLN A 222 21.79 9.08 13.42
CA GLN A 222 21.21 10.40 13.30
C GLN A 222 19.90 10.42 12.52
N ASN A 223 19.70 9.48 11.60
CA ASN A 223 18.51 9.48 10.76
C ASN A 223 18.19 8.05 10.34
N ALA A 224 17.06 7.91 9.63
CA ALA A 224 16.62 6.59 9.20
C ALA A 224 17.54 6.01 8.12
N ALA A 225 18.19 6.87 7.33
CA ALA A 225 19.12 6.39 6.32
C ALA A 225 20.23 5.56 6.96
N GLN A 226 20.85 6.09 8.02
CA GLN A 226 21.90 5.34 8.71
C GLN A 226 21.34 4.07 9.34
N ILE A 227 20.10 4.13 9.84
CA ILE A 227 19.49 2.96 10.46
C ILE A 227 19.27 1.87 9.43
N TYR A 228 18.71 2.23 8.28
CA TYR A 228 18.44 1.25 7.24
C TYR A 228 19.72 0.61 6.73
N ARG A 229 20.80 1.40 6.61
CA ARG A 229 22.06 0.86 6.13
C ARG A 229 22.67 -0.12 7.13
N ARG A 230 22.38 0.05 8.42
CA ARG A 230 22.93 -0.86 9.42
C ARG A 230 22.15 -2.17 9.50
N VAL A 231 20.82 -2.11 9.38
CA VAL A 231 20.02 -3.32 9.50
C VAL A 231 20.33 -4.26 8.34
N THR A 232 20.28 -3.76 7.11
CA THR A 232 20.51 -4.61 5.94
C THR A 232 21.92 -5.18 5.93
N SER A 233 22.86 -4.50 6.57
CA SER A 233 24.22 -5.00 6.72
C SER A 233 24.40 -5.86 7.96
N GLY A 234 23.30 -6.23 8.63
CA GLY A 234 23.38 -7.10 9.79
C GLY A 234 24.03 -6.48 11.00
N VAL A 235 23.87 -5.17 11.19
CA VAL A 235 24.46 -4.45 12.30
C VAL A 235 23.34 -4.07 13.26
N LYS A 236 23.31 -4.71 14.42
CA LYS A 236 22.27 -4.46 15.41
C LYS A 236 22.61 -3.21 16.21
N PRO A 237 21.61 -2.64 16.92
CA PRO A 237 21.89 -1.48 17.77
C PRO A 237 23.02 -1.78 18.75
N ALA A 238 23.78 -0.73 19.08
CA ALA A 238 24.83 -0.86 20.08
C ALA A 238 24.27 -1.35 21.40
N SER A 239 23.01 -1.05 21.69
CA SER A 239 22.40 -1.45 22.95
C SER A 239 22.07 -2.93 23.00
N PHE A 240 22.08 -3.62 21.86
CA PHE A 240 21.77 -5.04 21.84
C PHE A 240 22.81 -5.88 22.58
N ASP A 241 24.06 -5.44 22.56
CA ASP A 241 25.13 -6.14 23.27
C ASP A 241 25.15 -5.82 24.77
N LYS A 242 24.12 -5.16 25.29
CA LYS A 242 24.00 -4.90 26.72
C LYS A 242 22.91 -5.71 27.40
N VAL A 243 22.20 -6.56 26.65
CA VAL A 243 21.12 -7.36 27.21
C VAL A 243 21.73 -8.44 28.09
N ALA A 244 21.45 -8.38 29.39
CA ALA A 244 22.06 -9.34 30.32
C ALA A 244 21.49 -10.74 30.17
N ILE A 245 20.20 -10.85 29.85
CA ILE A 245 19.50 -12.13 29.84
C ILE A 245 19.69 -12.76 28.46
N PRO A 246 20.40 -13.89 28.36
CA PRO A 246 20.60 -14.49 27.03
C PRO A 246 19.32 -14.93 26.36
N GLU A 247 18.38 -15.49 27.13
CA GLU A 247 17.11 -15.92 26.55
CA GLU A 247 17.11 -15.92 26.55
C GLU A 247 16.36 -14.74 25.95
N VAL A 248 16.37 -13.60 26.63
CA VAL A 248 15.74 -12.40 26.08
C VAL A 248 16.47 -11.95 24.83
N LYS A 249 17.80 -11.99 24.85
CA LYS A 249 18.60 -11.57 23.71
C LYS A 249 18.29 -12.40 22.46
N GLU A 250 18.00 -13.69 22.64
CA GLU A 250 17.68 -14.53 21.50
C GLU A 250 16.30 -14.20 20.95
N ILE A 251 15.35 -13.85 21.81
CA ILE A 251 14.00 -13.51 21.36
C ILE A 251 14.03 -12.26 20.50
N ILE A 252 14.72 -11.21 20.97
CA ILE A 252 14.87 -9.98 20.19
C ILE A 252 15.53 -10.30 18.85
N GLU A 253 16.55 -11.16 18.86
CA GLU A 253 17.25 -11.52 17.63
C GLU A 253 16.28 -12.05 16.58
N GLY A 254 15.45 -13.02 16.96
CA GLY A 254 14.51 -13.62 16.03
C GLY A 254 13.40 -12.70 15.57
N CYS A 255 13.21 -11.56 16.23
CA CYS A 255 12.16 -10.63 15.86
C CYS A 255 12.63 -9.52 14.94
N ILE A 256 13.92 -9.18 14.96
CA ILE A 256 14.40 -8.02 14.21
C ILE A 256 15.29 -8.47 13.05
N ARG A 257 15.01 -9.64 12.49
CA ARG A 257 15.74 -10.10 11.32
C ARG A 257 15.27 -9.38 10.06
N GLN A 258 16.21 -9.18 9.13
CA GLN A 258 15.92 -8.43 7.91
C GLN A 258 14.83 -9.10 7.09
N ASN A 259 14.97 -10.40 6.81
CA ASN A 259 13.96 -11.13 6.05
C ASN A 259 12.75 -11.36 6.95
N LYS A 260 11.59 -10.84 6.52
CA LYS A 260 10.37 -11.01 7.29
C LYS A 260 9.99 -12.48 7.46
N ASP A 261 10.33 -13.32 6.48
CA ASP A 261 9.99 -14.75 6.55
C ASP A 261 10.79 -15.50 7.60
N GLU A 262 11.89 -14.93 8.09
CA GLU A 262 12.71 -15.55 9.12
C GLU A 262 12.48 -14.95 10.50
N ARG A 263 11.39 -14.19 10.66
CA ARG A 263 11.06 -13.63 11.96
C ARG A 263 10.18 -14.60 12.74
N TYR A 264 10.22 -14.45 14.06
CA TYR A 264 9.34 -15.21 14.94
C TYR A 264 7.88 -14.95 14.57
N SER A 265 7.04 -15.92 14.87
CA SER A 265 5.60 -15.73 14.83
C SER A 265 5.09 -15.49 16.25
N ILE A 266 3.96 -14.79 16.36
CA ILE A 266 3.42 -14.50 17.68
C ILE A 266 3.09 -15.79 18.42
N LYS A 267 2.57 -16.79 17.69
CA LYS A 267 2.25 -18.07 18.33
C LYS A 267 3.49 -18.72 18.93
N ASP A 268 4.62 -18.67 18.22
CA ASP A 268 5.84 -19.28 18.73
C ASP A 268 6.42 -18.47 19.89
N LEU A 269 6.26 -17.15 19.87
CA LEU A 269 6.73 -16.33 20.99
C LEU A 269 5.94 -16.65 22.26
N LEU A 270 4.61 -16.74 22.15
CA LEU A 270 3.81 -17.12 23.31
C LEU A 270 4.13 -18.53 23.77
N ASN A 271 4.49 -19.41 22.84
CA ASN A 271 4.93 -20.77 23.15
C ASN A 271 6.43 -20.84 23.40
N HIS A 272 7.10 -19.70 23.57
CA HIS A 272 8.50 -19.70 23.92
C HIS A 272 8.65 -19.97 25.42
N ALA A 273 9.71 -20.68 25.79
CA ALA A 273 9.90 -21.03 27.19
C ALA A 273 9.94 -19.80 28.09
N PHE A 274 10.36 -18.66 27.54
CA PHE A 274 10.45 -17.43 28.33
C PHE A 274 9.07 -16.92 28.72
N PHE A 275 8.11 -16.95 27.79
CA PHE A 275 6.78 -16.43 28.07
C PHE A 275 5.82 -17.48 28.63
N GLN A 276 6.16 -18.77 28.55
CA GLN A 276 5.42 -19.77 29.30
C GLN A 276 5.96 -19.95 30.72
N GLU A 277 7.02 -19.24 31.09
CA GLU A 277 7.58 -19.34 32.43
C GLU A 277 6.82 -18.40 33.38
N GLU B 2 -31.61 -3.12 -39.93
CA GLU B 2 -31.26 -1.73 -39.64
C GLU B 2 -30.17 -1.65 -38.57
N LEU B 3 -29.88 -0.45 -38.08
CA LEU B 3 -28.67 -0.24 -37.30
C LEU B 3 -28.80 -0.74 -35.87
N GLU B 4 -29.61 -0.05 -35.06
CA GLU B 4 -29.67 -0.31 -33.62
C GLU B 4 -30.52 -1.51 -33.27
N THR B 5 -31.37 -1.98 -34.18
CA THR B 5 -32.15 -3.18 -33.94
C THR B 5 -31.33 -4.47 -34.05
N LYS B 6 -30.12 -4.39 -34.61
CA LYS B 6 -29.21 -5.53 -34.56
C LYS B 6 -28.52 -5.65 -33.21
N ALA B 7 -28.44 -4.57 -32.45
CA ALA B 7 -27.63 -4.53 -31.25
C ALA B 7 -28.17 -5.49 -30.19
N VAL B 8 -27.26 -6.22 -29.54
CA VAL B 8 -27.64 -7.10 -28.45
C VAL B 8 -27.73 -6.32 -27.14
N GLY B 9 -26.97 -5.23 -27.02
CA GLY B 9 -27.00 -4.40 -25.84
C GLY B 9 -26.78 -2.95 -26.19
N MET B 10 -26.82 -2.09 -25.19
CA MET B 10 -26.70 -0.65 -25.39
C MET B 10 -26.36 0.03 -24.06
N SER B 11 -25.57 1.09 -24.14
CA SER B 11 -25.20 1.83 -22.95
C SER B 11 -26.40 2.57 -22.37
N ASN B 12 -26.28 2.96 -21.10
CA ASN B 12 -27.39 3.63 -20.42
C ASN B 12 -27.70 4.97 -21.07
N ASP B 13 -26.68 5.71 -21.48
CA ASP B 13 -26.88 6.98 -22.16
C ASP B 13 -27.23 6.83 -23.63
N GLY B 14 -27.32 5.59 -24.13
CA GLY B 14 -27.63 5.36 -25.52
C GLY B 14 -26.51 5.67 -26.48
N ARG B 15 -25.29 5.87 -25.97
CA ARG B 15 -24.19 6.26 -26.83
C ARG B 15 -23.47 5.07 -27.46
N PHE B 16 -23.29 3.98 -26.71
CA PHE B 16 -22.53 2.83 -27.18
C PHE B 16 -23.46 1.64 -27.39
N LEU B 17 -23.21 0.90 -28.47
CA LEU B 17 -24.00 -0.26 -28.84
C LEU B 17 -23.14 -1.51 -28.76
N LYS B 18 -23.79 -2.63 -28.44
CA LYS B 18 -23.12 -3.92 -28.30
C LYS B 18 -23.64 -4.91 -29.34
N PHE B 19 -22.74 -5.72 -29.87
CA PHE B 19 -23.08 -6.84 -30.74
C PHE B 19 -22.51 -8.13 -30.15
N ASP B 20 -23.12 -9.26 -30.50
CA ASP B 20 -22.66 -10.55 -30.02
C ASP B 20 -21.49 -11.04 -30.87
N ILE B 21 -20.44 -10.23 -30.97
CA ILE B 21 -19.21 -10.60 -31.65
C ILE B 21 -18.08 -10.48 -30.64
N GLU B 22 -17.46 -11.61 -30.32
CA GLU B 22 -16.43 -11.66 -29.30
C GLU B 22 -15.07 -11.32 -29.92
N ILE B 23 -14.36 -10.39 -29.30
CA ILE B 23 -13.04 -10.00 -29.75
C ILE B 23 -11.93 -10.65 -28.91
N GLY B 24 -12.19 -10.94 -27.65
CA GLY B 24 -11.20 -11.57 -26.79
C GLY B 24 -11.87 -12.03 -25.52
N ARG B 25 -11.09 -12.77 -24.72
CA ARG B 25 -11.60 -13.28 -23.45
C ARG B 25 -10.41 -13.63 -22.57
N GLY B 26 -10.26 -12.91 -21.47
CA GLY B 26 -9.26 -13.22 -20.48
C GLY B 26 -9.83 -14.10 -19.38
N SER B 27 -9.04 -14.28 -18.33
CA SER B 27 -9.48 -15.05 -17.18
C SER B 27 -10.64 -14.38 -16.45
N PHE B 28 -10.84 -13.08 -16.66
CA PHE B 28 -11.91 -12.35 -16.00
C PHE B 28 -12.69 -11.49 -16.99
N LYS B 29 -12.02 -11.01 -18.04
CA LYS B 29 -12.62 -10.12 -19.01
C LYS B 29 -13.28 -10.90 -20.13
N THR B 30 -14.19 -10.22 -20.84
CA THR B 30 -14.88 -10.78 -22.00
C THR B 30 -15.27 -9.59 -22.89
N VAL B 31 -14.34 -9.21 -23.77
CA VAL B 31 -14.56 -8.06 -24.63
C VAL B 31 -15.38 -8.46 -25.84
N TYR B 32 -16.48 -7.79 -26.04
CA TYR B 32 -17.26 -7.85 -27.26
C TYR B 32 -16.89 -6.65 -28.12
N LYS B 33 -17.44 -6.62 -29.32
CA LYS B 33 -17.18 -5.55 -30.27
C LYS B 33 -18.32 -4.54 -30.17
N GLY B 34 -18.00 -3.28 -29.85
CA GLY B 34 -18.99 -2.23 -29.72
C GLY B 34 -18.71 -1.05 -30.65
N LEU B 35 -19.58 -0.05 -30.58
CA LEU B 35 -19.52 1.06 -31.51
C LEU B 35 -19.94 2.34 -30.80
N ASP B 36 -19.30 3.45 -31.14
CA ASP B 36 -19.61 4.76 -30.58
C ASP B 36 -20.46 5.51 -31.61
N THR B 37 -21.74 5.69 -31.31
CA THR B 37 -22.64 6.38 -32.23
C THR B 37 -22.33 7.87 -32.36
N GLU B 38 -21.47 8.41 -31.50
CA GLU B 38 -21.08 9.82 -31.59
C GLU B 38 -19.92 10.06 -32.53
N THR B 39 -19.00 9.10 -32.67
CA THR B 39 -17.79 9.27 -33.46
C THR B 39 -17.56 8.16 -34.47
N THR B 40 -18.59 7.34 -34.75
CA THR B 40 -18.50 6.14 -35.60
C THR B 40 -17.17 5.41 -35.45
N VAL B 41 -16.71 5.28 -34.20
CA VAL B 41 -15.46 4.61 -33.88
C VAL B 41 -15.77 3.34 -33.10
N GLU B 42 -15.20 2.22 -33.53
CA GLU B 42 -15.39 0.96 -32.84
C GLU B 42 -14.72 0.99 -31.47
N VAL B 43 -15.42 0.48 -30.47
CA VAL B 43 -14.92 0.46 -29.10
C VAL B 43 -14.96 -0.96 -28.56
N ALA B 44 -14.29 -1.16 -27.43
CA ALA B 44 -14.26 -2.46 -26.76
C ALA B 44 -15.32 -2.50 -25.68
N TRP B 45 -16.25 -3.44 -25.78
CA TRP B 45 -17.33 -3.62 -24.82
C TRP B 45 -16.92 -4.74 -23.87
N CYS B 46 -16.26 -4.38 -22.78
CA CYS B 46 -15.77 -5.34 -21.81
C CYS B 46 -16.87 -5.69 -20.79
N GLU B 47 -16.87 -6.95 -20.35
CA GLU B 47 -17.82 -7.42 -19.36
C GLU B 47 -17.09 -8.31 -18.38
N LEU B 48 -17.18 -7.98 -17.09
CA LEU B 48 -16.47 -8.71 -16.06
C LEU B 48 -17.26 -8.63 -14.75
N GLN B 49 -16.99 -9.57 -13.86
CA GLN B 49 -17.63 -9.61 -12.55
C GLN B 49 -16.73 -9.04 -11.48
N LEU B 53 -17.41 -3.94 -3.50
CA LEU B 53 -18.76 -4.43 -3.30
C LEU B 53 -19.38 -3.88 -2.02
N THR B 54 -18.77 -2.83 -1.49
CA THR B 54 -19.31 -2.05 -0.38
C THR B 54 -19.67 -0.66 -0.86
N LYS B 55 -20.22 0.17 0.03
CA LYS B 55 -20.57 1.53 -0.36
C LYS B 55 -19.33 2.39 -0.56
N SER B 56 -18.21 2.05 0.07
CA SER B 56 -16.96 2.73 -0.24
C SER B 56 -16.49 2.39 -1.66
N GLU B 57 -16.58 1.12 -2.04
CA GLU B 57 -16.18 0.72 -3.38
C GLU B 57 -17.20 1.21 -4.42
N ARG B 58 -18.48 0.92 -4.21
CA ARG B 58 -19.52 1.33 -5.15
C ARG B 58 -19.56 2.84 -5.38
N GLN B 59 -18.84 3.63 -4.59
CA GLN B 59 -18.80 5.08 -4.73
C GLN B 59 -17.45 5.60 -5.20
N ARG B 60 -16.36 5.07 -4.64
CA ARG B 60 -15.03 5.46 -5.11
C ARG B 60 -14.82 5.02 -6.55
N PHE B 61 -15.20 3.77 -6.85
CA PHE B 61 -15.13 3.24 -8.21
C PHE B 61 -15.70 4.22 -9.22
N LYS B 62 -16.85 4.81 -8.91
CA LYS B 62 -17.56 5.64 -9.88
C LYS B 62 -16.91 7.00 -10.06
N GLU B 63 -16.27 7.54 -9.02
CA GLU B 63 -15.56 8.80 -9.22
C GLU B 63 -14.20 8.58 -9.88
N GLU B 64 -13.57 7.43 -9.67
CA GLU B 64 -12.39 7.08 -10.46
C GLU B 64 -12.76 6.90 -11.93
N ALA B 65 -13.95 6.38 -12.20
CA ALA B 65 -14.41 6.24 -13.59
C ALA B 65 -14.50 7.61 -14.26
N GLU B 66 -15.11 8.58 -13.58
CA GLU B 66 -15.17 9.94 -14.10
C GLU B 66 -13.77 10.51 -14.29
N MET B 67 -12.82 10.10 -13.44
CA MET B 67 -11.45 10.55 -13.59
C MET B 67 -10.82 9.98 -14.87
N LEU B 68 -11.01 8.67 -15.10
CA LEU B 68 -10.38 8.03 -16.25
C LEU B 68 -10.89 8.61 -17.56
N LYS B 69 -12.12 9.13 -17.58
CA LYS B 69 -12.66 9.72 -18.81
C LYS B 69 -11.82 10.91 -19.27
N GLY B 70 -11.18 11.62 -18.33
CA GLY B 70 -10.36 12.77 -18.63
C GLY B 70 -8.95 12.47 -19.04
N LEU B 71 -8.62 11.21 -19.31
CA LEU B 71 -7.27 10.81 -19.72
C LEU B 71 -7.27 10.63 -21.22
N GLN B 72 -7.02 11.73 -21.94
CA GLN B 72 -6.97 11.73 -23.39
C GLN B 72 -5.53 11.93 -23.83
N HIS B 73 -4.93 10.88 -24.41
CA HIS B 73 -3.57 10.98 -24.88
C HIS B 73 -3.37 10.03 -26.06
N PRO B 74 -2.59 10.44 -27.06
CA PRO B 74 -2.39 9.55 -28.23
C PRO B 74 -1.69 8.24 -27.89
N ASN B 75 -1.07 8.14 -26.71
CA ASN B 75 -0.34 6.95 -26.31
C ASN B 75 -0.96 6.29 -25.09
N ILE B 76 -2.23 6.55 -24.82
CA ILE B 76 -2.96 5.94 -23.71
C ILE B 76 -4.31 5.48 -24.23
N VAL B 77 -4.66 4.22 -23.93
CA VAL B 77 -5.95 3.68 -24.34
C VAL B 77 -7.08 4.54 -23.77
N ARG B 78 -7.96 4.98 -24.65
CA ARG B 78 -9.04 5.88 -24.25
C ARG B 78 -10.08 5.16 -23.41
N PHE B 79 -10.52 5.83 -22.34
CA PHE B 79 -11.57 5.32 -21.47
C PHE B 79 -12.82 6.17 -21.67
N TYR B 80 -13.92 5.53 -22.08
CA TYR B 80 -15.15 6.26 -22.38
C TYR B 80 -16.10 6.29 -21.20
N ASP B 81 -16.54 5.12 -20.73
CA ASP B 81 -17.54 5.04 -19.68
C ASP B 81 -17.53 3.65 -19.09
N SER B 82 -18.12 3.55 -17.90
CA SER B 82 -18.25 2.25 -17.21
C SER B 82 -19.42 2.33 -16.26
N TRP B 83 -20.25 1.29 -16.27
CA TRP B 83 -21.45 1.23 -15.44
C TRP B 83 -21.69 -0.22 -15.03
N GLU B 84 -22.77 -0.44 -14.29
CA GLU B 84 -23.11 -1.77 -13.78
C GLU B 84 -24.36 -2.27 -14.49
N SER B 85 -24.24 -3.42 -15.14
CA SER B 85 -25.34 -4.05 -15.88
C SER B 85 -25.52 -5.49 -15.41
N THR B 86 -26.39 -6.19 -16.12
CA THR B 86 -26.65 -7.62 -15.92
C THR B 86 -26.56 -8.29 -17.28
N VAL B 87 -25.87 -9.43 -17.35
CA VAL B 87 -25.48 -10.03 -18.63
C VAL B 87 -26.26 -11.31 -18.93
N LYS B 88 -26.38 -12.21 -17.95
CA LYS B 88 -27.07 -13.47 -18.15
C LYS B 88 -28.00 -13.78 -16.99
N GLY B 89 -28.54 -12.72 -16.37
CA GLY B 89 -29.26 -12.83 -15.12
C GLY B 89 -28.43 -12.44 -13.92
N LYS B 90 -27.11 -12.51 -14.01
CA LYS B 90 -26.21 -12.17 -12.92
C LYS B 90 -25.55 -10.82 -13.17
N LYS B 91 -25.32 -10.09 -12.08
CA LYS B 91 -24.78 -8.74 -12.16
C LYS B 91 -23.31 -8.76 -12.56
N CYS B 92 -22.92 -7.75 -13.34
CA CYS B 92 -21.55 -7.60 -13.79
C CYS B 92 -21.24 -6.12 -13.94
N ILE B 93 -20.03 -5.83 -14.41
CA ILE B 93 -19.57 -4.46 -14.63
C ILE B 93 -19.14 -4.33 -16.09
N VAL B 94 -19.72 -3.37 -16.80
CA VAL B 94 -19.44 -3.16 -18.22
C VAL B 94 -18.48 -1.98 -18.36
N LEU B 95 -17.46 -2.16 -19.20
CA LEU B 95 -16.39 -1.19 -19.37
C LEU B 95 -16.20 -0.95 -20.87
N VAL B 96 -16.25 0.32 -21.27
CA VAL B 96 -16.08 0.71 -22.67
C VAL B 96 -14.75 1.43 -22.80
N THR B 97 -13.92 0.98 -23.76
CA THR B 97 -12.65 1.60 -24.05
C THR B 97 -12.40 1.63 -25.54
N GLU B 98 -11.33 2.30 -25.94
CA GLU B 98 -10.90 2.29 -27.33
C GLU B 98 -10.50 0.89 -27.76
N LEU B 99 -10.96 0.51 -28.94
CA LEU B 99 -10.67 -0.82 -29.47
C LEU B 99 -9.28 -0.87 -30.05
N MET B 100 -8.56 -1.95 -29.76
CA MET B 100 -7.17 -2.13 -30.18
C MET B 100 -7.13 -3.27 -31.20
N THR B 101 -6.87 -2.92 -32.45
CA THR B 101 -7.02 -3.84 -33.57
C THR B 101 -5.84 -4.81 -33.67
N SER B 102 -4.61 -4.29 -33.68
CA SER B 102 -3.42 -5.09 -33.92
C SER B 102 -2.97 -5.87 -32.69
N GLY B 103 -3.86 -6.16 -31.74
CA GLY B 103 -3.48 -6.95 -30.59
C GLY B 103 -2.55 -6.20 -29.64
N THR B 104 -1.93 -6.97 -28.76
CA THR B 104 -1.01 -6.45 -27.76
C THR B 104 0.44 -6.53 -28.24
N LEU B 105 1.30 -5.80 -27.55
CA LEU B 105 2.73 -5.87 -27.85
C LEU B 105 3.31 -7.23 -27.45
N LYS B 106 2.75 -7.85 -26.40
CA LYS B 106 3.19 -9.19 -26.00
C LYS B 106 3.00 -10.19 -27.12
N THR B 107 1.78 -10.26 -27.67
CA THR B 107 1.51 -11.20 -28.76
C THR B 107 2.34 -10.90 -30.00
N TYR B 108 2.73 -9.64 -30.19
CA TYR B 108 3.59 -9.29 -31.31
C TYR B 108 4.95 -9.96 -31.19
N LEU B 109 5.50 -10.00 -29.97
CA LEU B 109 6.81 -10.62 -29.73
C LEU B 109 6.76 -12.14 -29.73
N LYS B 110 5.58 -12.72 -29.50
CA LYS B 110 5.43 -14.17 -29.57
C LYS B 110 5.41 -14.70 -30.99
N ARG B 111 5.27 -13.82 -32.00
CA ARG B 111 5.24 -14.23 -33.40
C ARG B 111 6.51 -13.91 -34.15
N PHE B 112 7.29 -12.92 -33.71
CA PHE B 112 8.55 -12.54 -34.32
C PHE B 112 9.66 -12.62 -33.29
N LYS B 113 10.88 -12.27 -33.71
CA LYS B 113 12.01 -12.37 -32.80
C LYS B 113 12.80 -11.06 -32.73
N VAL B 114 13.68 -10.82 -33.70
CA VAL B 114 14.62 -9.71 -33.60
C VAL B 114 13.92 -8.41 -33.98
N MET B 115 13.66 -7.56 -33.00
CA MET B 115 13.05 -6.26 -33.26
C MET B 115 14.06 -5.31 -33.89
N LYS B 116 13.62 -4.56 -34.89
CA LYS B 116 14.52 -3.66 -35.59
C LYS B 116 14.74 -2.38 -34.79
N ILE B 117 15.91 -1.77 -35.00
CA ILE B 117 16.38 -0.68 -34.14
C ILE B 117 15.44 0.52 -34.24
N LYS B 118 15.08 0.92 -35.46
CA LYS B 118 14.25 2.10 -35.63
C LYS B 118 12.88 1.93 -34.97
N VAL B 119 12.37 0.70 -34.96
CA VAL B 119 11.04 0.48 -34.39
C VAL B 119 11.12 0.41 -32.87
N LEU B 120 12.23 -0.09 -32.32
CA LEU B 120 12.41 -0.08 -30.88
C LEU B 120 12.45 1.33 -30.34
N ARG B 121 13.17 2.22 -31.03
CA ARG B 121 13.23 3.63 -30.60
C ARG B 121 11.85 4.27 -30.62
N SER B 122 11.08 4.04 -31.68
CA SER B 122 9.79 4.71 -31.82
C SER B 122 8.80 4.20 -30.78
N TRP B 123 8.65 2.88 -30.68
CA TRP B 123 7.65 2.34 -29.76
C TRP B 123 7.99 2.63 -28.31
N CYS B 124 9.28 2.61 -27.97
CA CYS B 124 9.68 2.94 -26.61
C CYS B 124 9.44 4.41 -26.30
N ARG B 125 9.68 5.29 -27.27
CA ARG B 125 9.44 6.70 -27.06
C ARG B 125 7.96 6.99 -26.86
N GLN B 126 7.09 6.32 -27.62
CA GLN B 126 5.66 6.54 -27.46
C GLN B 126 5.17 6.02 -26.11
N ILE B 127 5.77 4.92 -25.62
CA ILE B 127 5.41 4.42 -24.30
C ILE B 127 5.78 5.42 -23.23
N LEU B 128 6.95 6.05 -23.37
CA LEU B 128 7.36 7.07 -22.41
C LEU B 128 6.43 8.27 -22.46
N LYS B 129 5.99 8.67 -23.65
CA LYS B 129 5.02 9.75 -23.77
C LYS B 129 3.74 9.41 -23.01
N GLY B 130 3.33 8.14 -23.04
CA GLY B 130 2.16 7.74 -22.26
C GLY B 130 2.40 7.83 -20.77
N LEU B 131 3.56 7.39 -20.32
CA LEU B 131 3.86 7.42 -18.88
C LEU B 131 3.94 8.86 -18.39
N GLN B 132 4.52 9.75 -19.18
CA GLN B 132 4.60 11.14 -18.78
C GLN B 132 3.23 11.76 -18.63
N PHE B 133 2.32 11.43 -19.54
CA PHE B 133 0.95 11.92 -19.39
C PHE B 133 0.36 11.44 -18.08
N LEU B 134 0.57 10.16 -17.74
CA LEU B 134 0.06 9.64 -16.47
C LEU B 134 0.70 10.35 -15.28
N HIS B 135 2.02 10.50 -15.30
CA HIS B 135 2.74 11.07 -14.17
C HIS B 135 2.63 12.58 -14.11
N THR B 136 1.93 13.23 -15.04
CA THR B 136 1.74 14.68 -15.01
C THR B 136 0.28 15.06 -14.84
N ARG B 137 -0.57 14.14 -14.41
CA ARG B 137 -1.92 14.51 -14.03
C ARG B 137 -1.90 15.15 -12.64
N THR B 138 -3.03 15.65 -12.19
CA THR B 138 -3.15 16.28 -10.88
C THR B 138 -4.27 15.58 -10.11
N PRO B 139 -3.94 14.63 -9.24
CA PRO B 139 -2.56 14.20 -8.93
C PRO B 139 -1.99 13.22 -9.96
N PRO B 140 -0.68 12.96 -9.92
CA PRO B 140 -0.09 12.02 -10.90
C PRO B 140 -0.64 10.62 -10.73
N ILE B 141 -0.53 9.84 -11.80
CA ILE B 141 -1.02 8.47 -11.86
C ILE B 141 0.16 7.53 -12.07
N ILE B 142 0.21 6.47 -11.28
CA ILE B 142 1.27 5.47 -11.36
C ILE B 142 0.65 4.17 -11.86
N HIS B 143 1.22 3.61 -12.92
CA HIS B 143 0.61 2.46 -13.58
C HIS B 143 0.75 1.18 -12.75
N ARG B 144 1.97 0.89 -12.29
CA ARG B 144 2.30 -0.24 -11.43
C ARG B 144 2.13 -1.60 -12.09
N ASP B 145 1.51 -1.64 -13.26
CA ASP B 145 1.27 -2.91 -13.95
C ASP B 145 1.69 -2.78 -15.41
N LEU B 146 2.78 -2.05 -15.66
CA LEU B 146 3.21 -1.78 -17.04
C LEU B 146 3.99 -2.97 -17.57
N LYS B 147 3.51 -3.52 -18.68
CA LYS B 147 3.93 -4.81 -19.17
C LYS B 147 3.60 -4.83 -20.66
N CYS B 148 4.30 -5.69 -21.42
CA CYS B 148 4.04 -5.75 -22.86
C CYS B 148 2.61 -6.18 -23.16
N ASP B 149 1.96 -6.90 -22.25
CA ASP B 149 0.58 -7.34 -22.46
C ASP B 149 -0.41 -6.21 -22.19
N ASN B 150 0.00 -5.19 -21.42
CA ASN B 150 -0.83 -4.01 -21.21
C ASN B 150 -0.55 -2.92 -22.23
N ILE B 151 0.41 -3.14 -23.13
CA ILE B 151 0.71 -2.20 -24.21
C ILE B 151 0.13 -2.74 -25.50
N PHE B 152 -0.59 -1.89 -26.22
CA PHE B 152 -1.33 -2.30 -27.41
C PHE B 152 -0.83 -1.55 -28.64
N ILE B 153 -1.07 -2.14 -29.80
CA ILE B 153 -0.78 -1.52 -31.09
C ILE B 153 -2.07 -1.48 -31.90
N THR B 154 -2.33 -0.33 -32.53
CA THR B 154 -3.55 -0.16 -33.31
C THR B 154 -3.41 1.10 -34.15
N GLY B 155 -4.37 1.27 -35.06
CA GLY B 155 -4.39 2.42 -35.94
C GLY B 155 -3.67 2.14 -37.24
N PRO B 156 -3.98 2.90 -38.29
CA PRO B 156 -3.23 2.71 -39.55
C PRO B 156 -1.76 3.02 -39.38
N THR B 157 -1.43 4.03 -38.58
CA THR B 157 -0.05 4.39 -38.31
C THR B 157 0.69 3.32 -37.51
N GLY B 158 -0.04 2.43 -36.85
CA GLY B 158 0.59 1.47 -35.94
C GLY B 158 0.97 2.11 -34.62
N SER B 159 0.07 2.89 -34.03
CA SER B 159 0.41 3.66 -32.83
C SER B 159 0.58 2.74 -31.63
N VAL B 160 1.32 3.24 -30.65
CA VAL B 160 1.57 2.52 -29.41
C VAL B 160 0.82 3.23 -28.30
N LYS B 161 0.06 2.47 -27.51
CA LYS B 161 -0.81 3.01 -26.49
C LYS B 161 -0.81 2.10 -25.27
N ILE B 162 -0.62 2.68 -24.09
CA ILE B 162 -0.67 1.95 -22.82
C ILE B 162 -2.10 1.88 -22.33
N GLY B 163 -2.49 0.73 -21.80
CA GLY B 163 -3.84 0.55 -21.30
C GLY B 163 -3.91 -0.28 -20.05
N ASP B 164 -5.12 -0.69 -19.68
CA ASP B 164 -5.38 -1.50 -18.49
C ASP B 164 -4.80 -0.84 -17.24
N LEU B 165 -5.53 0.13 -16.68
CA LEU B 165 -5.12 0.81 -15.46
C LEU B 165 -5.76 0.19 -14.23
N GLY B 166 -5.88 -1.14 -14.19
CA GLY B 166 -6.57 -1.78 -13.08
C GLY B 166 -5.78 -1.72 -11.79
N LEU B 167 -4.45 -1.87 -11.87
CA LEU B 167 -3.58 -1.84 -10.70
C LEU B 167 -2.90 -0.49 -10.52
N ALA B 168 -3.50 0.58 -11.04
CA ALA B 168 -2.92 1.91 -10.95
C ALA B 168 -3.38 2.62 -9.68
N THR B 169 -2.60 3.62 -9.28
CA THR B 169 -2.88 4.41 -8.09
C THR B 169 -2.58 5.88 -8.38
N LEU B 170 -3.13 6.76 -7.55
CA LEU B 170 -2.73 8.16 -7.56
C LEU B 170 -1.60 8.37 -6.57
N LYS B 171 -0.71 9.32 -6.90
CA LYS B 171 0.50 9.56 -6.13
C LYS B 171 0.17 10.50 -4.98
N ARG B 172 -0.26 9.93 -3.86
CA ARG B 172 -0.49 10.71 -2.64
C ARG B 172 -0.08 9.91 -1.41
N THR B 182 7.12 7.75 8.52
CA THR B 182 7.16 8.47 9.79
C THR B 182 7.34 7.62 11.08
N PRO B 183 6.88 6.33 11.09
CA PRO B 183 7.19 5.48 12.24
C PRO B 183 8.67 5.40 12.58
N GLU B 184 8.98 4.99 13.81
CA GLU B 184 10.35 4.91 14.29
C GLU B 184 10.94 3.51 14.15
N PHE B 185 10.27 2.50 14.71
CA PHE B 185 10.78 1.14 14.68
C PHE B 185 10.41 0.44 13.38
N MET B 186 10.66 1.10 12.26
CA MET B 186 10.28 0.54 10.96
C MET B 186 11.05 -0.74 10.66
N ALA B 187 10.35 -1.71 10.09
CA ALA B 187 11.03 -2.87 9.54
C ALA B 187 11.69 -2.50 8.22
N PRO B 188 12.77 -3.20 7.84
CA PRO B 188 13.46 -2.85 6.59
C PRO B 188 12.54 -2.75 5.38
N GLU B 189 11.71 -3.76 5.16
CA GLU B 189 10.80 -3.74 4.02
C GLU B 189 9.80 -2.60 4.11
N MET B 190 9.43 -2.19 5.34
CA MET B 190 8.50 -1.08 5.50
C MET B 190 9.14 0.26 5.18
N TYR B 191 10.46 0.35 5.29
CA TYR B 191 11.18 1.57 4.93
C TYR B 191 11.46 1.63 3.43
N ALA B 192 11.73 0.49 2.81
CA ALA B 192 11.95 0.40 1.37
C ALA B 192 10.64 0.27 0.60
N ALA B 193 9.50 0.36 1.28
CA ALA B 193 8.18 0.25 0.64
C ALA B 193 7.70 1.56 0.06
N ALA B 194 8.43 2.65 0.27
CA ALA B 194 8.08 3.93 -0.32
C ALA B 194 8.46 3.92 -1.80
N TYR B 195 7.47 4.13 -2.67
CA TYR B 195 7.74 4.14 -4.10
C TYR B 195 6.89 5.21 -4.78
N ASP B 196 7.31 5.54 -5.99
CA ASP B 196 6.63 6.53 -6.81
C ASP B 196 6.70 6.04 -8.26
N GLU B 197 6.54 6.95 -9.21
CA GLU B 197 6.50 6.57 -10.61
C GLU B 197 7.79 5.89 -11.08
N SER B 198 8.85 5.90 -10.26
CA SER B 198 10.06 5.17 -10.61
C SER B 198 9.77 3.69 -10.89
N VAL B 199 8.73 3.14 -10.27
CA VAL B 199 8.38 1.76 -10.56
C VAL B 199 7.85 1.61 -11.98
N ASP B 200 7.29 2.69 -12.55
CA ASP B 200 6.96 2.66 -13.98
C ASP B 200 8.21 2.81 -14.85
N VAL B 201 9.20 3.58 -14.39
CA VAL B 201 10.48 3.61 -15.08
C VAL B 201 11.16 2.25 -15.01
N TYR B 202 11.00 1.56 -13.88
CA TYR B 202 11.56 0.21 -13.75
C TYR B 202 10.85 -0.76 -14.70
N ALA B 203 9.51 -0.77 -14.66
CA ALA B 203 8.77 -1.67 -15.53
C ALA B 203 9.07 -1.40 -17.00
N PHE B 204 9.28 -0.14 -17.36
CA PHE B 204 9.66 0.19 -18.73
C PHE B 204 11.00 -0.42 -19.09
N GLY B 205 11.97 -0.40 -18.17
CA GLY B 205 13.25 -1.03 -18.44
C GLY B 205 13.11 -2.50 -18.77
N MET B 206 12.24 -3.21 -18.07
CA MET B 206 12.02 -4.62 -18.39
C MET B 206 11.31 -4.79 -19.72
N CYS B 207 10.44 -3.84 -20.09
CA CYS B 207 9.76 -3.92 -21.37
C CYS B 207 10.75 -3.76 -22.52
N MET B 208 11.54 -2.69 -22.50
CA MET B 208 12.54 -2.50 -23.54
C MET B 208 13.53 -3.67 -23.57
N LEU B 209 13.91 -4.17 -22.41
CA LEU B 209 14.73 -5.37 -22.34
C LEU B 209 14.06 -6.51 -23.10
N GLU B 210 12.77 -6.69 -22.89
CA GLU B 210 12.06 -7.75 -23.60
C GLU B 210 11.93 -7.44 -25.08
N MET B 211 11.90 -6.16 -25.45
CA MET B 211 11.84 -5.79 -26.86
C MET B 211 13.20 -5.82 -27.53
N ALA B 212 14.28 -5.71 -26.75
CA ALA B 212 15.62 -5.70 -27.32
C ALA B 212 16.24 -7.09 -27.38
N THR B 213 15.82 -8.00 -26.50
CA THR B 213 16.32 -9.36 -26.50
C THR B 213 15.28 -10.39 -26.92
N SER B 214 14.02 -9.96 -27.09
CA SER B 214 12.94 -10.85 -27.51
C SER B 214 12.86 -12.09 -26.62
N GLU B 215 12.98 -11.88 -25.32
CA GLU B 215 12.88 -12.99 -24.37
C GLU B 215 12.38 -12.47 -23.03
N TYR B 216 11.44 -13.21 -22.45
CA TYR B 216 10.83 -12.80 -21.18
C TYR B 216 11.89 -12.70 -20.10
N PRO B 217 12.00 -11.56 -19.42
CA PRO B 217 13.07 -11.38 -18.42
C PRO B 217 12.96 -12.40 -17.29
N TYR B 218 14.11 -12.82 -16.79
CA TYR B 218 14.19 -13.77 -15.68
C TYR B 218 13.47 -15.09 -16.01
N SER B 219 13.59 -15.54 -17.25
CA SER B 219 12.99 -16.82 -17.63
C SER B 219 13.66 -17.99 -16.91
N GLU B 220 14.91 -17.82 -16.48
CA GLU B 220 15.62 -18.89 -15.78
C GLU B 220 14.90 -19.27 -14.49
N CYS B 221 14.29 -18.29 -13.81
CA CYS B 221 13.74 -18.54 -12.49
C CYS B 221 12.55 -19.47 -12.57
N GLN B 222 12.40 -20.29 -11.54
CA GLN B 222 11.39 -21.35 -11.53
C GLN B 222 10.12 -20.96 -10.81
N ASN B 223 10.13 -19.91 -9.99
CA ASN B 223 8.95 -19.49 -9.26
C ASN B 223 8.89 -17.98 -9.20
N ALA B 224 7.69 -17.46 -8.89
CA ALA B 224 7.54 -16.05 -8.62
C ALA B 224 8.25 -15.64 -7.33
N ALA B 225 8.54 -16.60 -6.45
CA ALA B 225 9.27 -16.30 -5.22
C ALA B 225 10.78 -16.25 -5.43
N GLN B 226 11.30 -17.04 -6.37
CA GLN B 226 12.72 -16.96 -6.68
C GLN B 226 13.06 -15.66 -7.40
N ILE B 227 12.11 -15.12 -8.19
CA ILE B 227 12.25 -13.77 -8.72
C ILE B 227 12.48 -12.79 -7.57
N TYR B 228 11.55 -12.80 -6.62
CA TYR B 228 11.60 -11.94 -5.44
C TYR B 228 12.99 -11.92 -4.83
N ARG B 229 13.60 -13.10 -4.66
CA ARG B 229 14.94 -13.15 -4.08
C ARG B 229 15.96 -12.43 -4.95
N ARG B 230 15.80 -12.49 -6.28
CA ARG B 230 16.86 -12.00 -7.15
C ARG B 230 16.79 -10.50 -7.35
N VAL B 231 15.58 -9.93 -7.44
CA VAL B 231 15.47 -8.49 -7.58
C VAL B 231 15.62 -7.80 -6.24
N THR B 232 15.26 -8.48 -5.14
CA THR B 232 15.53 -7.93 -3.80
C THR B 232 17.02 -7.75 -3.58
N SER B 233 17.82 -8.63 -4.18
CA SER B 233 19.28 -8.56 -4.09
C SER B 233 19.90 -7.74 -5.21
N GLY B 234 19.77 -8.20 -6.44
CA GLY B 234 20.55 -7.64 -7.53
C GLY B 234 19.84 -7.65 -8.85
N SER B 239 20.00 -12.51 -18.59
CA SER B 239 19.21 -12.12 -19.75
C SER B 239 19.55 -10.70 -20.16
N PHE B 240 20.14 -9.97 -19.22
CA PHE B 240 20.60 -8.61 -19.47
C PHE B 240 21.82 -8.59 -20.39
N ASP B 241 22.62 -9.67 -20.41
CA ASP B 241 23.86 -9.70 -21.16
C ASP B 241 23.70 -10.21 -22.59
N LYS B 242 22.47 -10.25 -23.10
CA LYS B 242 22.25 -10.58 -24.51
C LYS B 242 21.95 -9.36 -25.37
N VAL B 243 21.78 -8.18 -24.76
CA VAL B 243 21.44 -6.99 -25.53
C VAL B 243 22.54 -6.69 -26.54
N ALA B 244 22.16 -6.53 -27.80
CA ALA B 244 23.15 -6.30 -28.85
C ALA B 244 23.73 -4.89 -28.78
N ILE B 245 22.87 -3.88 -28.87
CA ILE B 245 23.31 -2.49 -28.91
C ILE B 245 23.68 -2.05 -27.49
N PRO B 246 24.94 -1.68 -27.24
CA PRO B 246 25.30 -1.25 -25.88
C PRO B 246 24.64 0.06 -25.48
N GLU B 247 24.34 0.93 -26.43
CA GLU B 247 23.61 2.16 -26.11
C GLU B 247 22.22 1.85 -25.56
N VAL B 248 21.53 0.87 -26.14
CA VAL B 248 20.23 0.47 -25.62
C VAL B 248 20.39 -0.11 -24.22
N LYS B 249 21.30 -1.08 -24.05
CA LYS B 249 21.51 -1.76 -22.77
C LYS B 249 21.93 -0.79 -21.68
N GLU B 250 22.61 0.30 -22.04
CA GLU B 250 22.90 1.34 -21.06
C GLU B 250 21.62 1.99 -20.58
N ILE B 251 20.68 2.24 -21.49
CA ILE B 251 19.41 2.85 -21.10
C ILE B 251 18.62 1.91 -20.21
N ILE B 252 18.64 0.60 -20.49
CA ILE B 252 17.89 -0.34 -19.66
C ILE B 252 18.52 -0.44 -18.27
N GLU B 253 19.85 -0.46 -18.20
CA GLU B 253 20.53 -0.50 -16.91
C GLU B 253 20.15 0.71 -16.06
N GLY B 254 20.09 1.88 -16.67
CA GLY B 254 19.70 3.08 -15.96
C GLY B 254 18.26 3.13 -15.53
N CYS B 255 17.44 2.17 -15.98
CA CYS B 255 16.03 2.11 -15.62
C CYS B 255 15.72 1.03 -14.60
N ILE B 256 16.62 0.08 -14.37
CA ILE B 256 16.35 -1.02 -13.45
C ILE B 256 17.33 -1.03 -12.28
N ARG B 257 17.92 0.12 -11.95
CA ARG B 257 18.73 0.23 -10.74
C ARG B 257 17.84 0.06 -9.51
N GLN B 258 18.36 -0.64 -8.50
CA GLN B 258 17.58 -0.90 -7.30
C GLN B 258 17.23 0.39 -6.58
N ASN B 259 18.17 1.33 -6.52
CA ASN B 259 17.90 2.59 -5.85
C ASN B 259 16.94 3.40 -6.70
N LYS B 260 15.73 3.61 -6.17
CA LYS B 260 14.67 4.29 -6.91
C LYS B 260 15.13 5.63 -7.44
N ASP B 261 15.92 6.36 -6.66
CA ASP B 261 16.31 7.72 -6.99
C ASP B 261 17.59 7.80 -7.79
N GLU B 262 18.05 6.69 -8.38
CA GLU B 262 19.12 6.70 -9.35
C GLU B 262 18.65 6.42 -10.77
N ARG B 263 17.40 6.01 -10.95
CA ARG B 263 16.86 5.72 -12.26
C ARG B 263 16.59 7.00 -13.03
N TYR B 264 16.34 6.84 -14.33
CA TYR B 264 16.01 7.95 -15.20
C TYR B 264 14.58 8.44 -14.94
N SER B 265 14.31 9.65 -15.42
CA SER B 265 12.97 10.22 -15.39
C SER B 265 12.55 10.49 -16.83
N ILE B 266 11.27 10.29 -17.12
CA ILE B 266 10.74 10.31 -18.48
C ILE B 266 11.36 11.44 -19.30
N LYS B 267 11.37 12.66 -18.75
CA LYS B 267 11.96 13.79 -19.45
C LYS B 267 13.39 13.49 -19.91
N ASP B 268 14.18 12.84 -19.07
CA ASP B 268 15.59 12.61 -19.40
C ASP B 268 15.74 11.71 -20.63
N LEU B 269 14.90 10.67 -20.73
CA LEU B 269 15.02 9.76 -21.86
C LEU B 269 14.43 10.35 -23.14
N LEU B 270 13.29 11.06 -23.04
CA LEU B 270 12.73 11.70 -24.22
C LEU B 270 13.72 12.67 -24.84
N ASN B 271 14.41 13.43 -24.00
CA ASN B 271 15.49 14.32 -24.41
C ASN B 271 16.85 13.63 -24.32
N HIS B 272 16.89 12.34 -24.64
CA HIS B 272 18.11 11.55 -24.64
C HIS B 272 18.54 11.27 -26.08
N ALA B 273 19.83 11.04 -26.27
CA ALA B 273 20.39 10.91 -27.62
C ALA B 273 19.72 9.77 -28.39
N PHE B 274 19.64 8.59 -27.78
CA PHE B 274 19.13 7.43 -28.50
C PHE B 274 17.69 7.64 -28.95
N PHE B 275 16.91 8.38 -28.18
CA PHE B 275 15.48 8.52 -28.48
C PHE B 275 15.21 9.67 -29.44
N GLN B 276 16.18 10.00 -30.28
CA GLN B 276 15.95 10.95 -31.38
C GLN B 276 16.25 10.27 -32.71
PG ANP C . 4.67 10.91 18.13
O1G ANP C . 5.62 11.53 17.13
O2G ANP C . 4.61 9.41 18.06
O3G ANP C . 4.84 11.45 19.52
PB ANP C . 2.11 12.61 18.40
O1B ANP C . 1.56 13.55 17.35
O2B ANP C . 2.83 13.20 19.57
N3B ANP C . 3.08 11.40 17.58
PA ANP C . 1.13 10.92 20.35
O1A ANP C . -0.06 10.01 20.48
O2A ANP C . 2.53 10.38 20.24
O3A ANP C . 0.87 11.77 19.01
O5' ANP C . 1.13 11.99 21.55
C5' ANP C . 0.01 12.82 21.86
C4' ANP C . -0.08 12.91 23.38
O4' ANP C . -1.33 12.46 23.90
C3' ANP C . 1.00 12.07 24.03
O3' ANP C . 1.60 12.74 25.15
C2' ANP C . 0.25 10.84 24.52
O2' ANP C . 0.90 10.29 25.67
C1' ANP C . -1.14 11.36 24.82
N9 ANP C . -2.18 10.31 24.61
C8 ANP C . -2.40 9.62 23.47
N7 ANP C . -3.43 8.75 23.61
C5 ANP C . -3.91 8.88 24.85
C6 ANP C . -5.01 8.28 25.66
N6 ANP C . -5.81 7.32 25.14
N1 ANP C . -5.17 8.70 26.93
C2 ANP C . -4.37 9.65 27.47
N3 ANP C . -3.37 10.25 26.80
C4 ANP C . -3.09 9.92 25.52
C1 A6S D . -10.41 5.68 10.54
C2 A6S D . -11.58 5.70 11.32
C3 A6S D . -11.51 5.97 12.70
O1 A6S D . -8.60 1.95 18.26
C11 A6S D . -6.46 7.86 14.31
C12 A6S D . -5.93 8.09 15.60
C13 A6S D . -6.85 6.12 16.42
C14 A6S D . -7.40 5.81 15.16
C15 A6S D . -7.02 5.22 17.58
C16 A6S D . -7.72 4.00 17.44
C17 A6S D . -7.89 3.12 18.51
C18 A6S D . -7.35 3.46 19.77
C19 A6S D . -6.65 4.67 19.94
C20 A6S D . -6.49 5.55 18.85
C21 A6S D . -8.79 1.02 19.31
C22 A6S D . -6.85 3.43 9.19
C23 A6S D . -7.74 2.49 10.02
C24 A6S D . -8.66 1.68 9.10
C25 A6S D . -9.53 0.68 9.87
C26 A6S D . -8.66 -0.28 10.69
C27 A6S D . -7.75 0.52 11.63
C28 A6S D . -6.88 1.52 10.86
C10 A6S D . -7.20 6.70 14.10
C4 A6S D . -10.26 6.23 13.30
C5 A6S D . -9.13 5.93 11.12
C6 A6S D . -9.09 6.20 12.53
C7 A6S D . -6.99 6.26 11.68
C8 A6S D . -7.79 5.97 10.61
C9 A6S D . -7.33 5.75 9.21
F1 A6S D . -12.64 6.01 13.44
N1 A6S D . -7.74 6.40 12.83
N2 A6S D . -7.66 4.49 8.60
N3 A6S D . -6.13 7.24 16.63
MN MN E . 12.42 -18.23 14.28
MN MN F . 1.24 7.96 19.54
MN MN G . -3.90 -6.66 -19.13
PG ANP H . -4.99 -7.78 -16.04
O1G ANP H . -5.07 -6.81 -17.20
O2G ANP H . -5.35 -7.14 -14.72
O3G ANP H . -3.71 -8.59 -16.01
PB ANP H . -6.15 -9.96 -17.77
O1B ANP H . -7.01 -11.18 -17.53
O2B ANP H . -4.69 -10.16 -18.11
N3B ANP H . -6.28 -8.91 -16.38
PA ANP H . -6.18 -9.12 -20.46
O1A ANP H . -5.48 -10.42 -20.72
O2A ANP H . -5.45 -7.81 -20.62
O3A ANP H . -6.83 -9.14 -18.99
O5' ANP H . -7.45 -9.04 -21.45
C5' ANP H . -8.20 -10.20 -21.80
C4' ANP H . -8.50 -10.17 -23.28
O4' ANP H . -9.17 -8.96 -23.65
C3' ANP H . -7.24 -10.26 -24.12
O3' ANP H . -7.39 -11.26 -25.13
C2' ANP H . -7.11 -8.91 -24.77
O2' ANP H . -6.61 -9.02 -26.11
C1' ANP H . -8.52 -8.35 -24.77
N9 ANP H . -8.50 -6.87 -24.67
C8 ANP H . -8.19 -6.16 -23.57
N7 ANP H . -8.29 -4.82 -23.82
C5 ANP H . -8.68 -4.68 -25.10
C6 ANP H . -8.97 -3.54 -26.01
N6 ANP H . -8.87 -2.26 -25.58
N1 ANP H . -9.36 -3.83 -27.28
C2 ANP H . -9.47 -5.10 -27.70
N3 ANP H . -9.21 -6.17 -26.94
C4 ANP H . -8.83 -6.03 -25.65
C1 A6S I . -12.57 1.82 -11.49
C2 A6S I . -13.56 2.42 -12.30
C3 A6S I . -13.52 2.26 -13.70
O1 A6S I . -8.19 4.73 -18.55
C11 A6S I . -9.89 -1.72 -15.35
C12 A6S I . -9.42 -2.09 -16.63
C13 A6S I . -9.11 0.12 -17.25
C14 A6S I . -9.56 0.58 -15.99
C15 A6S I . -8.68 1.09 -18.29
C16 A6S I . -8.62 2.47 -17.98
C17 A6S I . -8.21 3.41 -18.95
C18 A6S I . -7.85 2.96 -20.24
C19 A6S I . -7.91 1.58 -20.55
C20 A6S I . -8.32 0.66 -19.58
C21 A6S I . -7.63 5.68 -19.44
C22 A6S I . -8.28 1.83 -10.05
C23 A6S I . -8.19 3.36 -10.13
C24 A6S I . -7.28 3.89 -9.01
C25 A6S I . -7.01 5.41 -9.12
C26 A6S I . -6.43 5.75 -10.51
C27 A6S I . -7.41 5.31 -11.60
C28 A6S I . -7.67 3.80 -11.52
C10 A6S I . -9.96 -0.36 -15.03
C4 A6S I . -12.51 1.48 -14.29
C5 A6S I . -11.54 1.04 -12.06
C6 A6S I . -11.51 0.88 -13.48
C7 A6S I . -9.77 -0.24 -12.58
C8 A6S I . -10.42 0.32 -11.52
C9 A6S I . -10.00 0.20 -10.09
F1 A6S I . -14.46 2.83 -14.47
N1 A6S I . -10.41 0.08 -13.77
N2 A6S I . -9.55 1.42 -9.45
N3 A6S I . -9.04 -1.18 -17.56
#